data_8PN6
#
_entry.id   8PN6
#
_cell.length_a   43.010
_cell.length_b   43.010
_cell.length_c   216.600
_cell.angle_alpha   90.00
_cell.angle_beta   90.00
_cell.angle_gamma   90.00
#
_symmetry.space_group_name_H-M   'P 43 2 2'
#
loop_
_entity.id
_entity.type
_entity.pdbx_description
1 polymer 'Serine protease subunit NS2B'
2 polymer 'Genome polyprotein'
3 water water
#
loop_
_entity_poly.entity_id
_entity_poly.type
_entity_poly.pdbx_seq_one_letter_code
_entity_poly.pdbx_strand_id
1 'polypeptide(L)' SMGKSVDMYIERAGDITWEKDAEVTGNSPRLDVALDESGDFSLVEE A
2 'polypeptide(L)'
;MKEVKKGETTDGVYRVMTRRLLGSTQVGVGVMQEGVFHTMWHVTKGAALRSGEGRLDPYWGDVKQDLVSYCGPWKLDAAW
DGLSEVQLLAVPPGERAKNIQTLPGIFKTKDGDIGAVALDYPAGTSGSPILDKCGRVIGLYGNGVVIKNGSYVSAITQGK
REEETPVE
;
B
#
# COMPACT_ATOMS: atom_id res chain seq x y z
N VAL A 6 -12.48 -11.77 -16.29
CA VAL A 6 -11.60 -10.99 -15.36
C VAL A 6 -12.45 -10.02 -14.55
N ASP A 7 -12.64 -10.34 -13.27
CA ASP A 7 -13.58 -9.64 -12.42
C ASP A 7 -13.02 -8.26 -12.02
N MET A 8 -11.74 -8.19 -11.66
CA MET A 8 -11.23 -7.00 -11.00
C MET A 8 -10.72 -6.00 -12.04
N TYR A 9 -10.96 -4.69 -11.82
CA TYR A 9 -10.60 -3.64 -12.76
C TYR A 9 -10.08 -2.42 -11.99
N ILE A 10 -9.27 -1.59 -12.66
CA ILE A 10 -8.70 -0.41 -11.98
C ILE A 10 -9.26 0.90 -12.53
N GLU A 11 -9.29 1.93 -11.65
CA GLU A 11 -9.73 3.27 -12.05
C GLU A 11 -8.88 4.32 -11.34
N ARG A 12 -8.38 5.28 -12.13
CA ARG A 12 -7.43 6.27 -11.62
C ARG A 12 -8.12 7.10 -10.53
N ALA A 13 -7.39 7.41 -9.47
CA ALA A 13 -7.89 8.19 -8.33
C ALA A 13 -7.05 9.42 -8.05
N GLY A 14 -5.92 9.60 -8.71
CA GLY A 14 -5.13 10.79 -8.42
C GLY A 14 -3.67 10.69 -8.81
N ASP A 15 -2.99 11.84 -8.66
CA ASP A 15 -1.54 11.93 -8.77
C ASP A 15 -0.95 11.56 -7.40
N ILE A 16 0.32 11.18 -7.42
CA ILE A 16 1.00 10.89 -6.18
C ILE A 16 1.86 12.10 -5.83
N THR A 17 1.41 12.85 -4.81
CA THR A 17 2.06 14.10 -4.44
CA THR A 17 2.04 14.11 -4.46
C THR A 17 1.93 14.30 -2.94
N TRP A 18 2.95 14.95 -2.37
CA TRP A 18 2.94 15.43 -1.00
C TRP A 18 2.00 16.63 -0.88
N GLU A 19 1.21 16.72 0.19
CA GLU A 19 0.35 17.86 0.43
C GLU A 19 0.86 18.69 1.60
N LYS A 20 1.22 19.96 1.35
CA LYS A 20 1.61 20.85 2.45
C LYS A 20 0.44 21.10 3.39
N ASP A 21 0.72 21.09 4.70
CA ASP A 21 -0.32 21.34 5.69
C ASP A 21 -1.41 20.29 5.58
N ALA A 22 -1.02 19.01 5.43
CA ALA A 22 -1.98 17.92 5.54
C ALA A 22 -2.36 17.73 7.00
N GLU A 23 -3.54 17.14 7.22
CA GLU A 23 -3.97 16.71 8.55
C GLU A 23 -2.92 15.76 9.11
N VAL A 24 -2.60 15.93 10.40
CA VAL A 24 -1.61 15.11 11.04
C VAL A 24 -2.31 14.30 12.12
N THR A 25 -2.01 13.00 12.19
CA THR A 25 -2.55 12.14 13.24
C THR A 25 -1.63 10.93 13.44
N GLY A 26 -1.97 10.10 14.44
CA GLY A 26 -1.24 8.87 14.70
C GLY A 26 -0.10 9.05 15.69
N ASN A 27 0.29 7.96 16.36
CA ASN A 27 1.45 7.93 17.22
C ASN A 27 2.55 7.14 16.49
N SER A 28 3.61 6.73 17.22
CA SER A 28 4.80 6.16 16.61
C SER A 28 5.29 4.96 17.41
N PRO A 29 4.53 3.86 17.44
CA PRO A 29 4.87 2.75 18.33
C PRO A 29 6.11 1.99 17.87
N ARG A 30 6.97 1.64 18.84
CA ARG A 30 8.04 0.66 18.62
C ARG A 30 7.58 -0.70 19.13
N LEU A 31 7.38 -1.66 18.22
CA LEU A 31 6.76 -2.95 18.50
C LEU A 31 7.72 -4.06 18.05
N ASP A 32 7.94 -5.08 18.90
CA ASP A 32 8.56 -6.32 18.49
C ASP A 32 7.54 -7.17 17.74
N VAL A 33 7.87 -7.57 16.51
CA VAL A 33 6.90 -8.32 15.71
C VAL A 33 7.60 -9.51 15.05
N ALA A 34 6.80 -10.48 14.57
CA ALA A 34 7.28 -11.61 13.78
C ALA A 34 6.47 -11.71 12.50
N LEU A 35 7.09 -12.21 11.43
CA LEU A 35 6.42 -12.37 10.16
C LEU A 35 6.46 -13.85 9.74
N ASP A 36 5.28 -14.43 9.53
CA ASP A 36 5.22 -15.84 9.18
C ASP A 36 5.27 -16.03 7.66
N GLU A 37 5.34 -17.30 7.24
CA GLU A 37 5.46 -17.67 5.84
C GLU A 37 4.26 -17.20 5.04
N SER A 38 3.09 -17.02 5.69
CA SER A 38 1.87 -16.57 5.02
C SER A 38 1.79 -15.05 4.94
N GLY A 39 2.84 -14.36 5.36
CA GLY A 39 2.89 -12.90 5.23
C GLY A 39 2.07 -12.20 6.31
N ASP A 40 1.75 -12.89 7.42
CA ASP A 40 1.01 -12.30 8.51
C ASP A 40 1.99 -11.85 9.61
N PHE A 41 1.80 -10.61 10.07
CA PHE A 41 2.56 -10.13 11.23
C PHE A 41 1.87 -10.52 12.53
N SER A 42 2.68 -10.80 13.56
CA SER A 42 2.21 -11.04 14.93
C SER A 42 3.10 -10.31 15.92
N LEU A 43 2.58 -10.06 17.12
CA LEU A 43 3.36 -9.50 18.21
C LEU A 43 4.20 -10.59 18.87
N VAL A 44 5.41 -10.23 19.31
CA VAL A 44 6.32 -11.16 19.96
C VAL A 44 6.10 -11.14 21.48
N GLY B 7 -5.07 0.36 -22.17
CA GLY B 7 -5.71 1.05 -21.03
C GLY B 7 -4.92 2.28 -20.60
N GLU B 8 -5.44 2.99 -19.57
CA GLU B 8 -4.72 4.11 -18.98
C GLU B 8 -3.52 3.56 -18.21
N THR B 9 -2.32 4.03 -18.58
CA THR B 9 -1.09 3.67 -17.90
C THR B 9 -0.42 4.89 -17.27
N THR B 10 -1.14 6.00 -17.20
CA THR B 10 -0.58 7.22 -16.64
C THR B 10 -0.11 6.95 -15.20
N ASP B 11 1.07 7.46 -14.83
CA ASP B 11 1.52 7.35 -13.44
C ASP B 11 0.41 7.85 -12.50
N GLY B 12 0.32 7.26 -11.31
CA GLY B 12 -0.64 7.70 -10.30
C GLY B 12 -1.15 6.56 -9.43
N VAL B 13 -2.13 6.91 -8.60
CA VAL B 13 -2.80 5.98 -7.71
C VAL B 13 -4.16 5.59 -8.31
N TYR B 14 -4.51 4.28 -8.17
CA TYR B 14 -5.71 3.73 -8.79
C TYR B 14 -6.46 2.90 -7.75
N ARG B 15 -7.78 2.87 -7.86
CA ARG B 15 -8.61 1.95 -7.09
C ARG B 15 -8.63 0.60 -7.81
N VAL B 16 -8.70 -0.48 -7.02
CA VAL B 16 -8.92 -1.83 -7.52
C VAL B 16 -10.35 -2.23 -7.13
N MET B 17 -11.20 -2.37 -8.16
CA MET B 17 -12.64 -2.60 -8.01
C MET B 17 -13.02 -4.01 -8.47
N THR B 18 -14.18 -4.50 -7.99
CA THR B 18 -14.86 -5.69 -8.52
C THR B 18 -16.36 -5.49 -8.54
N ARG B 19 -17.04 -6.17 -9.50
CA ARG B 19 -18.49 -6.23 -9.53
C ARG B 19 -18.98 -7.64 -9.22
N ARG B 20 -18.13 -8.46 -8.59
CA ARG B 20 -18.45 -9.85 -8.31
C ARG B 20 -19.42 -9.93 -7.14
N LEU B 21 -19.45 -8.89 -6.30
CA LEU B 21 -20.35 -8.82 -5.16
C LEU B 21 -21.46 -7.83 -5.44
N LEU B 22 -22.21 -7.46 -4.39
CA LEU B 22 -23.28 -6.48 -4.53
C LEU B 22 -22.68 -5.15 -4.97
N GLY B 23 -23.29 -4.56 -6.00
CA GLY B 23 -22.80 -3.33 -6.60
C GLY B 23 -21.35 -3.42 -7.07
N SER B 24 -20.67 -2.28 -7.03
CA SER B 24 -19.25 -2.20 -7.32
C SER B 24 -18.52 -1.96 -6.00
N THR B 25 -17.56 -2.81 -5.73
CA THR B 25 -16.87 -2.84 -4.44
C THR B 25 -15.38 -2.53 -4.64
N GLN B 26 -14.84 -1.70 -3.76
CA GLN B 26 -13.41 -1.44 -3.79
C GLN B 26 -12.69 -2.44 -2.90
N VAL B 27 -11.82 -3.26 -3.49
CA VAL B 27 -11.09 -4.27 -2.73
C VAL B 27 -9.68 -3.80 -2.34
N GLY B 28 -9.14 -2.79 -3.04
CA GLY B 28 -7.87 -2.21 -2.64
C GLY B 28 -7.47 -1.08 -3.58
N VAL B 29 -6.17 -0.80 -3.60
CA VAL B 29 -5.56 0.39 -4.19
C VAL B 29 -4.21 -0.05 -4.75
N GLY B 30 -3.70 0.67 -5.74
CA GLY B 30 -2.34 0.46 -6.18
C GLY B 30 -1.71 1.65 -6.90
N VAL B 31 -0.45 1.47 -7.32
CA VAL B 31 0.39 2.53 -7.82
C VAL B 31 0.87 2.15 -9.22
N MET B 32 0.60 3.03 -10.20
CA MET B 32 1.16 2.91 -11.53
C MET B 32 2.41 3.79 -11.62
N GLN B 33 3.53 3.16 -11.93
CA GLN B 33 4.79 3.85 -12.15
C GLN B 33 5.62 3.10 -13.18
N GLU B 34 6.15 3.84 -14.14
CA GLU B 34 7.01 3.31 -15.19
C GLU B 34 6.35 2.12 -15.91
N GLY B 35 5.05 2.23 -16.17
CA GLY B 35 4.33 1.23 -16.94
C GLY B 35 3.97 -0.03 -16.14
N VAL B 36 4.25 -0.05 -14.83
CA VAL B 36 3.97 -1.20 -13.99
C VAL B 36 2.97 -0.86 -12.93
N PHE B 37 2.04 -1.75 -12.67
CA PHE B 37 1.07 -1.57 -11.60
C PHE B 37 1.48 -2.37 -10.36
N HIS B 38 1.47 -1.71 -9.21
CA HIS B 38 2.00 -2.23 -7.94
C HIS B 38 0.90 -2.27 -6.90
N THR B 39 0.62 -3.43 -6.27
CA THR B 39 -0.35 -3.51 -5.20
C THR B 39 0.07 -4.58 -4.18
N MET B 40 -0.78 -4.83 -3.20
CA MET B 40 -0.49 -5.86 -2.20
C MET B 40 -1.10 -7.19 -2.70
N TRP B 41 -0.42 -8.30 -2.41
CA TRP B 41 -0.84 -9.62 -2.87
CA TRP B 41 -0.85 -9.60 -2.91
C TRP B 41 -2.25 -9.92 -2.42
N HIS B 42 -2.57 -9.61 -1.16
CA HIS B 42 -3.84 -9.99 -0.56
C HIS B 42 -5.02 -9.24 -1.21
N VAL B 43 -4.76 -8.16 -1.95
CA VAL B 43 -5.79 -7.45 -2.67
C VAL B 43 -6.29 -8.26 -3.88
N THR B 44 -5.36 -8.75 -4.69
CA THR B 44 -5.69 -9.41 -5.96
C THR B 44 -5.52 -10.93 -5.97
N LYS B 45 -4.85 -11.47 -4.95
CA LYS B 45 -4.31 -12.83 -4.92
C LYS B 45 -3.65 -13.22 -6.24
N GLY B 46 -3.04 -12.27 -6.94
CA GLY B 46 -2.27 -12.57 -8.13
C GLY B 46 -3.11 -12.72 -9.40
N ALA B 47 -4.40 -12.39 -9.32
CA ALA B 47 -5.30 -12.50 -10.47
C ALA B 47 -5.02 -11.39 -11.50
N ALA B 48 -5.40 -11.66 -12.76
CA ALA B 48 -5.28 -10.65 -13.81
C ALA B 48 -6.26 -9.50 -13.56
N LEU B 49 -5.92 -8.29 -14.07
CA LEU B 49 -6.75 -7.10 -13.90
C LEU B 49 -7.14 -6.53 -15.27
N ARG B 50 -8.26 -5.80 -15.25
CA ARG B 50 -8.74 -5.04 -16.40
C ARG B 50 -8.42 -3.56 -16.20
N SER B 51 -8.03 -2.92 -17.30
CA SER B 51 -7.82 -1.49 -17.37
C SER B 51 -8.46 -0.94 -18.64
N GLY B 52 -9.69 -0.41 -18.54
CA GLY B 52 -10.48 -0.10 -19.71
C GLY B 52 -10.75 -1.36 -20.51
N GLU B 53 -10.43 -1.31 -21.82
CA GLU B 53 -10.52 -2.47 -22.70
C GLU B 53 -9.34 -3.41 -22.49
N GLY B 54 -8.25 -2.90 -21.90
CA GLY B 54 -7.01 -3.66 -21.85
C GLY B 54 -6.94 -4.56 -20.62
N ARG B 55 -5.90 -5.39 -20.58
CA ARG B 55 -5.75 -6.35 -19.51
C ARG B 55 -4.34 -6.18 -18.94
N LEU B 56 -4.22 -6.35 -17.63
CA LEU B 56 -2.91 -6.30 -16.96
C LEU B 56 -2.63 -7.70 -16.42
N ASP B 57 -1.54 -8.32 -16.87
CA ASP B 57 -1.24 -9.69 -16.45
C ASP B 57 -0.23 -9.61 -15.29
N PRO B 58 -0.29 -10.49 -14.27
CA PRO B 58 0.73 -10.48 -13.22
C PRO B 58 2.10 -10.79 -13.81
N TYR B 59 3.11 -10.22 -13.15
CA TYR B 59 4.49 -10.37 -13.58
C TYR B 59 5.36 -10.96 -12.47
N TRP B 60 5.24 -10.43 -11.26
CA TRP B 60 6.03 -10.89 -10.11
C TRP B 60 5.13 -10.82 -8.89
N GLY B 61 5.32 -11.72 -7.94
CA GLY B 61 4.69 -11.52 -6.64
C GLY B 61 5.26 -12.48 -5.59
N ASP B 62 4.92 -12.22 -4.32
CA ASP B 62 5.43 -12.95 -3.18
C ASP B 62 4.47 -12.80 -2.01
N VAL B 63 3.86 -13.88 -1.60
CA VAL B 63 2.89 -13.90 -0.50
C VAL B 63 3.52 -13.38 0.79
N LYS B 64 4.78 -13.72 1.06
CA LYS B 64 5.36 -13.36 2.35
C LYS B 64 5.65 -11.87 2.40
N GLN B 65 6.14 -11.28 1.31
CA GLN B 65 6.29 -9.83 1.23
C GLN B 65 4.92 -9.16 1.15
N ASP B 66 3.90 -9.90 0.73
CA ASP B 66 2.55 -9.42 0.44
C ASP B 66 2.54 -8.35 -0.66
N LEU B 67 3.30 -8.54 -1.74
CA LEU B 67 3.37 -7.63 -2.88
C LEU B 67 3.17 -8.37 -4.21
N VAL B 68 2.72 -7.61 -5.22
CA VAL B 68 2.54 -8.08 -6.60
C VAL B 68 2.75 -6.92 -7.58
N SER B 69 3.37 -7.22 -8.71
CA SER B 69 3.48 -6.29 -9.83
C SER B 69 2.86 -6.87 -11.10
N TYR B 70 2.32 -5.95 -11.91
CA TYR B 70 1.70 -6.27 -13.20
C TYR B 70 2.42 -5.52 -14.32
N CYS B 71 2.58 -6.21 -15.47
CA CYS B 71 3.14 -5.73 -16.72
C CYS B 71 4.66 -5.57 -16.73
N GLY B 72 5.31 -5.75 -15.58
CA GLY B 72 6.75 -5.61 -15.51
C GLY B 72 7.20 -5.80 -14.08
N PRO B 73 8.52 -5.75 -13.83
CA PRO B 73 9.04 -5.95 -12.48
C PRO B 73 8.77 -4.79 -11.54
N TRP B 74 8.85 -5.05 -10.24
CA TRP B 74 8.64 -4.04 -9.22
C TRP B 74 9.60 -2.86 -9.44
N LYS B 75 9.07 -1.62 -9.45
CA LYS B 75 9.85 -0.45 -9.84
C LYS B 75 10.15 0.49 -8.66
N LEU B 76 9.43 0.34 -7.52
CA LEU B 76 9.47 1.30 -6.42
C LEU B 76 10.63 0.95 -5.47
N ASP B 77 11.51 1.90 -5.20
CA ASP B 77 12.67 1.53 -4.40
C ASP B 77 13.04 2.59 -3.35
N ALA B 78 12.22 3.63 -3.19
CA ALA B 78 12.53 4.61 -2.17
C ALA B 78 12.29 4.03 -0.77
N ALA B 79 13.04 4.55 0.22
CA ALA B 79 12.98 4.02 1.58
C ALA B 79 12.80 5.14 2.60
N TRP B 80 12.04 4.83 3.66
CA TRP B 80 11.92 5.75 4.80
C TRP B 80 13.31 6.03 5.36
N ASP B 81 13.58 7.31 5.70
CA ASP B 81 14.86 7.77 6.25
C ASP B 81 15.01 7.40 7.73
N GLY B 82 13.94 6.87 8.35
CA GLY B 82 13.96 6.55 9.76
C GLY B 82 13.95 7.75 10.71
N LEU B 83 13.63 8.97 10.21
CA LEU B 83 13.73 10.21 10.99
C LEU B 83 12.49 11.10 10.85
N SER B 84 11.98 11.20 9.61
CA SER B 84 11.05 12.23 9.16
C SER B 84 9.62 11.71 9.12
N GLU B 85 8.64 12.65 9.18
CA GLU B 85 7.24 12.32 8.89
C GLU B 85 7.08 11.92 7.42
N VAL B 86 6.04 11.15 7.19
CA VAL B 86 5.65 10.71 5.86
C VAL B 86 4.18 11.04 5.66
N GLN B 87 3.62 10.74 4.49
CA GLN B 87 2.19 10.91 4.26
C GLN B 87 1.61 9.63 3.69
N LEU B 88 0.50 9.14 4.29
CA LEU B 88 -0.29 8.11 3.65
C LEU B 88 -1.25 8.78 2.66
N LEU B 89 -1.20 8.41 1.38
CA LEU B 89 -2.21 8.90 0.43
C LEU B 89 -3.30 7.85 0.43
N ALA B 90 -4.20 7.99 1.40
CA ALA B 90 -5.28 7.05 1.59
C ALA B 90 -6.28 7.27 0.46
N VAL B 91 -6.72 6.16 -0.13
CA VAL B 91 -7.80 6.14 -1.09
C VAL B 91 -8.89 5.22 -0.55
N PRO B 92 -9.73 5.70 0.41
CA PRO B 92 -10.79 4.87 0.98
C PRO B 92 -11.94 4.60 0.00
N PRO B 93 -12.65 3.46 0.15
CA PRO B 93 -13.80 3.15 -0.69
C PRO B 93 -14.84 4.27 -0.71
N GLY B 94 -15.20 4.74 -1.92
CA GLY B 94 -16.26 5.70 -2.11
C GLY B 94 -15.90 7.13 -1.78
N GLU B 95 -14.62 7.38 -1.46
CA GLU B 95 -14.16 8.65 -0.91
C GLU B 95 -12.94 9.16 -1.69
N ARG B 96 -12.75 10.50 -1.73
CA ARG B 96 -11.67 11.11 -2.50
C ARG B 96 -10.32 10.82 -1.86
N ALA B 97 -9.26 10.71 -2.67
CA ALA B 97 -7.91 10.57 -2.15
C ALA B 97 -7.62 11.67 -1.14
N LYS B 98 -6.94 11.31 -0.04
CA LYS B 98 -6.67 12.18 1.08
C LYS B 98 -5.27 11.88 1.60
N ASN B 99 -4.51 12.95 1.90
CA ASN B 99 -3.20 12.79 2.52
C ASN B 99 -3.30 12.94 4.04
N ILE B 100 -2.65 12.01 4.75
CA ILE B 100 -2.54 12.02 6.20
C ILE B 100 -1.07 11.93 6.59
N GLN B 101 -0.60 12.93 7.34
CA GLN B 101 0.81 13.01 7.73
C GLN B 101 1.01 12.39 9.11
N THR B 102 2.16 11.69 9.28
CA THR B 102 2.46 10.99 10.52
C THR B 102 3.97 10.71 10.62
N LEU B 103 4.45 10.53 11.84
CA LEU B 103 5.80 10.01 12.03
C LEU B 103 5.73 8.51 12.28
N PRO B 104 6.37 7.67 11.41
CA PRO B 104 6.32 6.23 11.58
C PRO B 104 6.95 5.79 12.89
N GLY B 105 6.34 4.76 13.49
CA GLY B 105 7.05 3.89 14.42
C GLY B 105 7.87 2.84 13.67
N ILE B 106 8.27 1.79 14.42
CA ILE B 106 9.16 0.74 13.99
C ILE B 106 8.58 -0.62 14.37
N PHE B 107 8.52 -1.53 13.38
CA PHE B 107 8.46 -2.95 13.62
C PHE B 107 9.91 -3.46 13.76
N LYS B 108 10.24 -3.99 14.94
CA LYS B 108 11.49 -4.72 15.12
C LYS B 108 11.21 -6.21 14.86
N THR B 109 11.99 -6.78 13.93
CA THR B 109 11.89 -8.21 13.63
C THR B 109 13.25 -8.85 13.85
N LYS B 110 13.30 -10.17 13.76
CA LYS B 110 14.55 -10.89 13.89
C LYS B 110 15.43 -10.63 12.65
N ASP B 111 14.81 -10.20 11.54
CA ASP B 111 15.51 -9.97 10.29
C ASP B 111 15.66 -8.47 10.00
N GLY B 112 15.43 -7.61 11.00
CA GLY B 112 15.69 -6.18 10.89
C GLY B 112 14.44 -5.33 11.07
N ASP B 113 14.63 -4.01 11.07
CA ASP B 113 13.61 -3.05 11.47
C ASP B 113 12.87 -2.57 10.21
N ILE B 114 11.56 -2.33 10.33
CA ILE B 114 10.73 -1.77 9.27
C ILE B 114 9.93 -0.60 9.85
N GLY B 115 9.78 0.49 9.08
CA GLY B 115 8.84 1.55 9.44
C GLY B 115 7.39 1.04 9.51
N ALA B 116 6.59 1.66 10.36
N ALA B 116 6.56 1.68 10.35
CA ALA B 116 5.17 1.31 10.52
CA ALA B 116 5.17 1.30 10.56
C ALA B 116 4.36 2.60 10.72
C ALA B 116 4.32 2.54 10.85
N VAL B 117 3.10 2.58 10.26
CA VAL B 117 2.23 3.77 10.39
C VAL B 117 1.00 3.37 11.22
N ALA B 118 0.71 4.16 12.27
CA ALA B 118 -0.42 3.91 13.16
C ALA B 118 -1.67 4.67 12.70
N LEU B 119 -2.26 4.20 11.58
CA LEU B 119 -3.44 4.76 10.95
C LEU B 119 -4.37 3.62 10.57
N ASP B 120 -5.68 3.84 10.74
CA ASP B 120 -6.66 2.76 10.65
C ASP B 120 -7.69 3.14 9.59
N TYR B 121 -7.68 2.42 8.46
CA TYR B 121 -8.57 2.68 7.34
C TYR B 121 -9.27 1.38 6.94
N PRO B 122 -10.44 1.44 6.27
CA PRO B 122 -11.11 0.23 5.77
C PRO B 122 -10.17 -0.70 4.99
N ALA B 123 -10.50 -2.01 4.98
CA ALA B 123 -9.71 -3.02 4.29
C ALA B 123 -9.44 -2.63 2.83
N GLY B 124 -10.47 -2.08 2.17
CA GLY B 124 -10.40 -1.76 0.75
C GLY B 124 -9.42 -0.61 0.49
N THR B 125 -8.78 -0.09 1.54
CA THR B 125 -7.76 0.95 1.44
C THR B 125 -6.34 0.34 1.26
N SER B 126 -6.20 -0.99 1.41
CA SER B 126 -4.91 -1.65 1.26
C SER B 126 -4.31 -1.39 -0.11
N GLY B 127 -3.00 -1.09 -0.12
CA GLY B 127 -2.22 -0.79 -1.32
C GLY B 127 -2.03 0.70 -1.54
N SER B 128 -2.65 1.50 -0.68
CA SER B 128 -2.47 2.93 -0.76
C SER B 128 -1.02 3.28 -0.48
N PRO B 129 -0.42 4.20 -1.27
CA PRO B 129 0.98 4.53 -1.13
C PRO B 129 1.31 5.40 0.08
N ILE B 130 2.50 5.12 0.66
CA ILE B 130 3.11 5.96 1.68
C ILE B 130 4.27 6.69 1.01
N LEU B 131 4.35 8.00 1.26
CA LEU B 131 5.20 8.91 0.52
CA LEU B 131 5.20 8.92 0.52
C LEU B 131 6.19 9.60 1.46
N ASP B 132 7.38 9.91 0.94
CA ASP B 132 8.26 10.82 1.62
C ASP B 132 7.99 12.24 1.14
N LYS B 133 8.75 13.18 1.70
CA LYS B 133 8.60 14.61 1.52
C LYS B 133 8.77 15.02 0.05
N CYS B 134 9.53 14.24 -0.72
CA CYS B 134 9.70 14.46 -2.15
C CYS B 134 8.67 13.74 -3.02
N GLY B 135 7.65 13.14 -2.42
CA GLY B 135 6.59 12.50 -3.19
C GLY B 135 6.96 11.13 -3.74
N ARG B 136 8.08 10.53 -3.29
CA ARG B 136 8.45 9.19 -3.72
C ARG B 136 7.73 8.16 -2.87
N VAL B 137 7.33 7.04 -3.51
CA VAL B 137 6.63 5.99 -2.78
C VAL B 137 7.66 5.15 -2.03
N ILE B 138 7.55 5.17 -0.70
CA ILE B 138 8.44 4.39 0.16
C ILE B 138 7.86 3.05 0.59
N GLY B 139 6.62 2.79 0.19
CA GLY B 139 5.96 1.51 0.35
C GLY B 139 4.43 1.62 0.37
N LEU B 140 3.78 0.49 0.61
CA LEU B 140 2.34 0.42 0.51
C LEU B 140 1.74 0.07 1.86
N TYR B 141 0.53 0.58 2.13
CA TYR B 141 -0.18 0.43 3.39
C TYR B 141 -1.09 -0.79 3.34
N GLY B 142 -1.17 -1.58 4.42
CA GLY B 142 -2.29 -2.49 4.62
C GLY B 142 -1.91 -3.91 5.04
N ASN B 143 -0.63 -4.16 5.35
CA ASN B 143 -0.22 -5.39 5.99
C ASN B 143 0.39 -5.02 7.34
N GLY B 144 -0.26 -5.43 8.39
CA GLY B 144 0.07 -4.97 9.74
C GLY B 144 -0.45 -5.87 10.84
N VAL B 145 -0.70 -5.26 12.01
CA VAL B 145 -0.98 -6.02 13.20
C VAL B 145 -2.00 -5.28 14.07
N VAL B 146 -2.77 -6.06 14.86
CA VAL B 146 -3.67 -5.51 15.86
C VAL B 146 -2.93 -5.46 17.19
N ILE B 147 -2.92 -4.28 17.81
CA ILE B 147 -2.12 -4.09 19.02
C ILE B 147 -3.03 -4.23 20.24
N LYS B 148 -2.45 -4.10 21.44
CA LYS B 148 -3.11 -4.50 22.67
C LYS B 148 -4.53 -3.94 22.78
N ASN B 149 -4.74 -2.68 22.36
CA ASN B 149 -6.00 -2.02 22.66
C ASN B 149 -7.01 -2.30 21.55
N GLY B 150 -6.58 -3.05 20.52
CA GLY B 150 -7.47 -3.50 19.46
C GLY B 150 -7.37 -2.64 18.19
N SER B 151 -6.60 -1.55 18.26
CA SER B 151 -6.33 -0.73 17.07
C SER B 151 -5.34 -1.42 16.13
N TYR B 152 -5.09 -0.75 15.00
CA TYR B 152 -4.32 -1.29 13.87
C TYR B 152 -3.05 -0.47 13.60
N VAL B 153 -1.95 -1.15 13.25
CA VAL B 153 -0.73 -0.49 12.77
C VAL B 153 -0.20 -1.24 11.56
N SER B 154 0.16 -0.48 10.49
CA SER B 154 0.52 -1.08 9.20
C SER B 154 2.02 -0.97 9.03
N ALA B 155 2.67 -2.06 8.59
CA ALA B 155 4.01 -1.89 8.05
C ALA B 155 4.03 -0.92 6.88
N ILE B 156 5.22 -0.33 6.68
CA ILE B 156 5.56 0.31 5.43
C ILE B 156 6.20 -0.77 4.55
N THR B 157 5.40 -1.37 3.65
CA THR B 157 5.91 -2.52 2.92
C THR B 157 6.45 -2.09 1.55
N GLN B 158 7.75 -2.37 1.31
CA GLN B 158 8.43 -1.98 0.10
C GLN B 158 9.10 -3.21 -0.54
N GLY B 159 9.08 -3.23 -1.86
CA GLY B 159 9.68 -4.30 -2.65
C GLY B 159 11.13 -3.98 -3.00
N LYS B 160 11.69 -4.82 -3.86
CA LYS B 160 13.04 -4.72 -4.35
C LYS B 160 12.98 -4.49 -5.86
N ARG B 161 13.76 -3.52 -6.35
CA ARG B 161 13.91 -3.27 -7.77
C ARG B 161 15.17 -4.00 -8.26
N GLU B 162 14.96 -5.10 -9.00
CA GLU B 162 16.04 -6.00 -9.40
C GLU B 162 16.80 -5.43 -10.60
#